data_7UV0
#
_entry.id   7UV0
#
_cell.length_a   1.00
_cell.length_b   1.00
_cell.length_c   1.00
_cell.angle_alpha   90.00
_cell.angle_beta   90.00
_cell.angle_gamma   90.00
#
_symmetry.space_group_name_H-M   'P 1'
#
loop_
_entity.id
_entity.type
_entity.pdbx_description
1 polymer 'Sodium/iodide cotransporter'
2 non-polymer 'SODIUM ION'
3 non-polymer 'IODIDE ION'
4 non-polymer 1,2-DIACYL-GLYCEROL-3-SN-PHOSPHATE
#
_entity_poly.entity_id   1
_entity_poly.type   'polypeptide(L)'
_entity_poly.pdbx_seq_one_letter_code
;MYPYDVPDYAENLYFQSEGAEAGARATFGAWDYGVFATMLLVSTGIGLWVGLARGGQRSADDFFTGGRQLAAVPVGLSLA
ASFMSAVQVLGVPAEAARYGLKFLWMCAGQLLNSLLTAFLFLPIFYRLGLTSTYQYLELRFSRAVRLCGTLQYLVATMLY
TGIVIYAPALILNQVTGLDIWASLLSTGIICTLYTTVGGMKAVVWTDVFQVVVMLVGFWVILARGVILLGGPRNVLSLAQ
QHSRINLMDFDPDPRSRYTFWTFIVGGTLVWLSMYGVNQAQVQRYVACHTEGKAKLALLVNQLGLFLIVASAACCGIVMF
VYYKDCDPLLTGRISAPDQYMPLLVLDIFEDLPGVPGLFLACAYSGTLSTASTSINAMAAVTVEDLIKPRMPGLAPRKLV
FISKGLSFIYGSACLTVAALSSLLGGGVLQGSFTVMGVISGPLLGAFTLGMLLPACNTPGVLSGLAAGLAVSLWVAVGAT
LYPPGEQTMGVLPTSAAGCTQDSVLLGPPGATQASNGIPSSGMDTGRPALADTFYAISYLYYGALGTLTTMLCGALISYL
TGPTKRSSLGPGLLWWDLARQTASVAPKEDTATLEESLVKGPEDIPAVTKKPPGLKPGAETHPLYLGHDVETNLSGGGGA
LEVLFQGPHHHHHHHHMDEKTTGWRGGHVVEGLAGELEQLRARLEHHPQGQREP
;
_entity_poly.pdbx_strand_id   A
#
loop_
_chem_comp.id
_chem_comp.type
_chem_comp.name
_chem_comp.formula
3PH non-polymer 1,2-DIACYL-GLYCEROL-3-SN-PHOSPHATE 'C39 H77 O8 P'
IOD non-polymer 'IODIDE ION' 'I -1'
NA non-polymer 'SODIUM ION' 'Na 1'
#
# COMPACT_ATOMS: atom_id res chain seq x y z
N ALA A 26 -28.13 5.60 -2.02
CA ALA A 26 -26.73 5.41 -1.68
C ALA A 26 -26.20 6.60 -0.88
N THR A 27 -26.89 6.94 0.19
CA THR A 27 -26.50 8.03 1.07
C THR A 27 -26.64 7.59 2.52
N PHE A 28 -25.88 8.25 3.39
CA PHE A 28 -25.82 7.86 4.79
C PHE A 28 -27.19 7.85 5.42
N GLY A 29 -27.81 9.03 5.56
CA GLY A 29 -29.12 9.15 6.18
C GLY A 29 -29.07 9.98 7.43
N ALA A 30 -29.99 9.69 8.35
CA ALA A 30 -30.15 10.50 9.56
C ALA A 30 -29.28 9.99 10.70
N TRP A 31 -29.48 8.74 11.11
CA TRP A 31 -28.71 8.20 12.23
C TRP A 31 -27.26 7.96 11.88
N ASP A 32 -26.91 7.96 10.60
CA ASP A 32 -25.54 7.67 10.19
C ASP A 32 -24.67 8.91 10.12
N TYR A 33 -25.21 10.05 9.69
CA TYR A 33 -24.43 11.28 9.67
C TYR A 33 -24.02 11.69 11.08
N GLY A 34 -24.95 11.59 12.04
CA GLY A 34 -24.61 11.94 13.40
C GLY A 34 -23.49 11.06 13.95
N VAL A 35 -23.59 9.75 13.73
CA VAL A 35 -22.56 8.84 14.21
C VAL A 35 -21.22 9.14 13.54
N PHE A 36 -21.24 9.34 12.22
CA PHE A 36 -19.99 9.65 11.52
C PHE A 36 -19.36 10.91 12.07
N ALA A 37 -20.15 11.98 12.20
CA ALA A 37 -19.61 13.25 12.67
C ALA A 37 -19.07 13.10 14.09
N THR A 38 -19.85 12.51 14.99
CA THR A 38 -19.39 12.38 16.36
C THR A 38 -18.11 11.56 16.44
N MET A 39 -18.04 10.45 15.72
CA MET A 39 -16.86 9.60 15.78
C MET A 39 -15.64 10.31 15.19
N LEU A 40 -15.83 11.08 14.10
CA LEU A 40 -14.69 11.79 13.54
C LEU A 40 -14.20 12.88 14.48
N LEU A 41 -15.13 13.62 15.10
CA LEU A 41 -14.72 14.62 16.08
C LEU A 41 -13.97 13.98 17.23
N VAL A 42 -14.46 12.83 17.72
CA VAL A 42 -13.79 12.16 18.83
C VAL A 42 -12.41 11.70 18.41
N SER A 43 -12.28 11.13 17.21
CA SER A 43 -10.98 10.68 16.75
C SER A 43 -10.00 11.84 16.67
N THR A 44 -10.41 12.95 16.07
CA THR A 44 -9.53 14.10 15.97
C THR A 44 -9.17 14.66 17.34
N GLY A 45 -10.14 14.75 18.23
CA GLY A 45 -9.86 15.25 19.56
C GLY A 45 -8.86 14.39 20.30
N ILE A 46 -9.03 13.08 20.25
CA ILE A 46 -8.09 12.19 20.92
C ILE A 46 -6.71 12.31 20.29
N GLY A 47 -6.64 12.34 18.96
CA GLY A 47 -5.35 12.43 18.29
C GLY A 47 -4.60 13.69 18.67
N LEU A 48 -5.28 14.84 18.63
CA LEU A 48 -4.60 16.09 18.93
C LEU A 48 -4.26 16.18 20.43
N TRP A 49 -5.19 15.79 21.30
CA TRP A 49 -4.90 15.80 22.72
C TRP A 49 -3.69 14.95 23.04
N VAL A 50 -3.52 13.83 22.34
CA VAL A 50 -2.28 13.07 22.44
C VAL A 50 -1.12 13.91 21.92
N GLY A 51 -1.32 14.58 20.78
CA GLY A 51 -0.25 15.40 20.22
C GLY A 51 0.18 16.52 21.14
N LEU A 52 -0.79 17.23 21.72
CA LEU A 52 -0.50 18.35 22.61
C LEU A 52 -0.96 18.06 24.03
N ALA A 72 5.70 -6.19 22.69
CA ALA A 72 6.27 -6.27 21.35
C ALA A 72 5.20 -6.61 20.33
N VAL A 73 4.03 -7.01 20.80
CA VAL A 73 2.89 -7.30 19.93
C VAL A 73 2.27 -5.99 19.46
N PRO A 74 2.08 -4.99 20.33
CA PRO A 74 1.62 -3.68 19.86
C PRO A 74 2.36 -3.18 18.63
N VAL A 75 3.70 -3.29 18.60
CA VAL A 75 4.44 -2.84 17.42
C VAL A 75 4.15 -3.74 16.23
N GLY A 76 4.02 -5.05 16.47
CA GLY A 76 3.69 -5.96 15.39
C GLY A 76 2.38 -5.58 14.72
N LEU A 77 1.38 -5.20 15.50
CA LEU A 77 0.11 -4.79 14.93
C LEU A 77 0.14 -3.38 14.39
N SER A 78 1.02 -2.52 14.90
CA SER A 78 1.14 -1.18 14.32
C SER A 78 1.75 -1.24 12.93
N LEU A 79 2.70 -2.14 12.70
CA LEU A 79 3.30 -2.25 11.37
C LEU A 79 2.23 -2.58 10.33
N ALA A 80 1.38 -3.56 10.62
CA ALA A 80 0.29 -3.88 9.71
C ALA A 80 -0.72 -2.73 9.65
N ALA A 81 -1.05 -2.15 10.80
CA ALA A 81 -2.02 -1.06 10.84
C ALA A 81 -1.67 0.03 9.85
N SER A 82 -0.38 0.35 9.76
CA SER A 82 0.07 1.39 8.82
C SER A 82 -0.59 1.20 7.45
N PHE A 83 -0.37 0.05 6.83
CA PHE A 83 -0.93 -0.25 5.51
C PHE A 83 -2.22 -1.06 5.60
N MET A 84 -3.18 -0.52 6.34
CA MET A 84 -4.55 -1.02 6.38
C MET A 84 -5.52 0.14 6.28
N SER A 85 -5.18 1.11 5.43
CA SER A 85 -5.97 2.32 5.30
C SER A 85 -7.24 2.02 4.52
N ALA A 86 -8.00 3.05 4.19
CA ALA A 86 -9.19 2.87 3.37
C ALA A 86 -8.86 2.24 2.04
N VAL A 87 -7.61 2.34 1.59
CA VAL A 87 -7.23 1.75 0.31
C VAL A 87 -7.53 0.26 0.31
N GLN A 88 -7.07 -0.46 1.33
CA GLN A 88 -7.34 -1.89 1.39
C GLN A 88 -8.83 -2.16 1.57
N VAL A 89 -9.50 -1.39 2.42
CA VAL A 89 -10.91 -1.63 2.72
C VAL A 89 -11.74 -1.52 1.44
N LEU A 90 -11.38 -0.59 0.55
CA LEU A 90 -12.13 -0.40 -0.68
C LEU A 90 -11.63 -1.28 -1.82
N GLY A 91 -10.38 -1.71 -1.78
CA GLY A 91 -9.82 -2.46 -2.89
C GLY A 91 -9.95 -3.97 -2.74
N VAL A 92 -9.50 -4.51 -1.62
CA VAL A 92 -9.47 -5.97 -1.48
C VAL A 92 -10.86 -6.58 -1.62
N PRO A 93 -11.91 -6.06 -0.97
CA PRO A 93 -13.25 -6.63 -1.22
C PRO A 93 -13.66 -6.56 -2.67
N ALA A 94 -13.37 -5.45 -3.35
CA ALA A 94 -13.78 -5.33 -4.74
C ALA A 94 -13.04 -6.31 -5.63
N GLU A 95 -11.72 -6.42 -5.45
CA GLU A 95 -10.93 -7.34 -6.26
C GLU A 95 -11.33 -8.78 -6.00
N ALA A 96 -11.63 -9.12 -4.74
CA ALA A 96 -12.08 -10.47 -4.42
C ALA A 96 -13.45 -10.75 -5.05
N ALA A 97 -14.35 -9.77 -5.03
CA ALA A 97 -15.66 -9.97 -5.63
C ALA A 97 -15.56 -10.13 -7.14
N ARG A 98 -14.67 -9.37 -7.78
CA ARG A 98 -14.59 -9.37 -9.24
C ARG A 98 -13.80 -10.56 -9.76
N TYR A 99 -12.54 -10.69 -9.34
CA TYR A 99 -11.64 -11.70 -9.89
C TYR A 99 -11.71 -13.02 -9.15
N GLY A 100 -12.53 -13.13 -8.11
CA GLY A 100 -12.68 -14.36 -7.37
C GLY A 100 -11.91 -14.36 -6.07
N LEU A 101 -11.61 -15.56 -5.60
CA LEU A 101 -10.91 -15.77 -4.34
C LEU A 101 -9.42 -16.02 -4.53
N LYS A 102 -8.91 -15.87 -5.75
CA LYS A 102 -7.47 -15.94 -5.96
C LYS A 102 -6.74 -14.86 -5.18
N PHE A 103 -7.44 -13.80 -4.79
CA PHE A 103 -6.80 -12.71 -4.06
C PHE A 103 -6.22 -13.17 -2.74
N LEU A 104 -6.66 -14.31 -2.21
CA LEU A 104 -6.06 -14.83 -0.99
C LEU A 104 -4.57 -15.09 -1.17
N TRP A 105 -4.13 -15.38 -2.40
CA TRP A 105 -2.70 -15.58 -2.62
C TRP A 105 -1.90 -14.35 -2.22
N MET A 106 -2.53 -13.17 -2.17
CA MET A 106 -1.84 -11.99 -1.69
C MET A 106 -1.22 -12.26 -0.32
N CYS A 107 -1.96 -12.91 0.57
CA CYS A 107 -1.41 -13.26 1.87
C CYS A 107 -0.12 -14.03 1.71
N ALA A 108 -0.12 -15.06 0.85
CA ALA A 108 1.11 -15.79 0.59
C ALA A 108 2.21 -14.87 0.10
N GLY A 109 1.87 -13.96 -0.81
CA GLY A 109 2.85 -13.00 -1.29
C GLY A 109 3.42 -12.14 -0.18
N GLN A 110 2.63 -11.86 0.85
CA GLN A 110 3.16 -11.18 2.03
C GLN A 110 3.99 -12.14 2.88
N LEU A 111 3.53 -13.37 3.04
CA LEU A 111 4.26 -14.31 3.88
C LEU A 111 5.68 -14.48 3.37
N LEU A 112 5.82 -14.85 2.10
CA LEU A 112 7.15 -14.98 1.51
C LEU A 112 7.93 -13.67 1.64
N ASN A 113 7.24 -12.54 1.61
CA ASN A 113 7.92 -11.27 1.85
C ASN A 113 8.49 -11.21 3.26
N SER A 114 7.64 -11.46 4.26
CA SER A 114 8.09 -11.31 5.64
C SER A 114 9.29 -12.19 5.91
N LEU A 115 9.21 -13.46 5.49
CA LEU A 115 10.34 -14.36 5.67
C LEU A 115 11.62 -13.72 5.17
N LEU A 116 11.60 -13.19 3.95
CA LEU A 116 12.80 -12.53 3.44
C LEU A 116 13.23 -11.41 4.36
N THR A 117 12.32 -10.49 4.68
CA THR A 117 12.67 -9.41 5.59
C THR A 117 13.13 -9.96 6.92
N ALA A 118 12.58 -11.10 7.35
CA ALA A 118 12.96 -11.65 8.63
C ALA A 118 14.37 -12.23 8.59
N PHE A 119 14.77 -12.80 7.45
CA PHE A 119 15.98 -13.60 7.41
C PHE A 119 16.97 -13.14 6.34
N LEU A 120 16.71 -12.04 5.66
CA LEU A 120 17.67 -11.54 4.69
C LEU A 120 17.98 -10.06 4.87
N PHE A 121 17.00 -9.25 5.27
CA PHE A 121 17.19 -7.82 5.43
C PHE A 121 17.24 -7.36 6.87
N LEU A 122 16.47 -7.98 7.76
CA LEU A 122 16.51 -7.57 9.17
C LEU A 122 17.89 -7.73 9.78
N PRO A 123 18.59 -8.87 9.62
CA PRO A 123 19.92 -8.97 10.26
C PRO A 123 20.90 -7.91 9.78
N ILE A 124 20.90 -7.57 8.49
CA ILE A 124 21.89 -6.61 7.99
C ILE A 124 21.66 -5.24 8.63
N PHE A 125 20.42 -4.75 8.58
CA PHE A 125 20.14 -3.45 9.15
C PHE A 125 20.29 -3.45 10.66
N TYR A 126 19.84 -4.51 11.33
CA TYR A 126 19.82 -4.53 12.79
C TYR A 126 21.23 -4.65 13.35
N ARG A 127 22.03 -5.58 12.82
CA ARG A 127 23.35 -5.80 13.36
C ARG A 127 24.26 -4.60 13.17
N LEU A 128 23.99 -3.75 12.18
CA LEU A 128 24.81 -2.57 11.93
C LEU A 128 24.35 -1.34 12.68
N GLY A 129 23.21 -1.40 13.35
CA GLY A 129 22.75 -0.26 14.12
C GLY A 129 22.60 0.99 13.28
N LEU A 130 22.06 0.84 12.07
CA LEU A 130 21.95 1.98 11.17
C LEU A 130 20.86 2.93 11.65
N THR A 131 21.19 4.22 11.72
CA THR A 131 20.20 5.22 12.11
C THR A 131 19.07 5.28 11.08
N SER A 132 19.42 5.25 9.80
CA SER A 132 18.46 5.24 8.70
C SER A 132 18.78 4.07 7.78
N THR A 133 17.75 3.42 7.26
CA THR A 133 17.97 2.26 6.41
C THR A 133 18.81 2.64 5.19
N TYR A 134 18.56 3.80 4.60
CA TYR A 134 19.30 4.22 3.43
C TYR A 134 20.74 4.58 3.77
N GLN A 135 21.04 4.75 5.04
CA GLN A 135 22.44 4.87 5.44
C GLN A 135 23.24 3.68 4.95
N TYR A 136 22.60 2.51 4.86
CA TYR A 136 23.28 1.36 4.30
C TYR A 136 23.90 1.73 2.96
N LEU A 137 23.11 2.33 2.07
CA LEU A 137 23.62 2.70 0.76
C LEU A 137 24.89 3.53 0.90
N GLU A 138 24.88 4.52 1.80
CA GLU A 138 26.05 5.37 1.98
C GLU A 138 27.26 4.55 2.38
N LEU A 139 27.08 3.59 3.30
CA LEU A 139 28.21 2.76 3.71
C LEU A 139 28.61 1.78 2.63
N ARG A 140 27.73 1.48 1.69
CA ARG A 140 27.98 0.44 0.72
C ARG A 140 28.59 0.99 -0.57
N PHE A 141 27.86 1.86 -1.28
CA PHE A 141 28.30 2.39 -2.56
C PHE A 141 28.87 3.80 -2.43
N SER A 142 28.09 4.76 -1.93
CA SER A 142 28.52 6.14 -1.83
C SER A 142 27.35 6.97 -1.30
N ARG A 143 27.65 8.20 -0.91
CA ARG A 143 26.61 9.08 -0.38
C ARG A 143 25.65 9.53 -1.47
N ALA A 144 26.09 9.55 -2.72
CA ALA A 144 25.20 9.89 -3.82
C ALA A 144 24.06 8.89 -3.93
N VAL A 145 24.37 7.60 -3.76
CA VAL A 145 23.33 6.59 -3.80
C VAL A 145 22.38 6.76 -2.63
N ARG A 146 22.91 7.18 -1.47
CA ARG A 146 22.04 7.48 -0.34
C ARG A 146 21.07 8.61 -0.70
N LEU A 147 21.58 9.65 -1.37
CA LEU A 147 20.73 10.76 -1.77
C LEU A 147 19.64 10.30 -2.74
N CYS A 148 20.03 9.52 -3.75
CA CYS A 148 19.05 9.03 -4.72
C CYS A 148 18.00 8.15 -4.06
N GLY A 149 18.43 7.26 -3.16
CA GLY A 149 17.48 6.40 -2.48
C GLY A 149 16.52 7.20 -1.61
N THR A 150 17.03 8.20 -0.91
CA THR A 150 16.15 9.03 -0.09
C THR A 150 15.14 9.76 -0.97
N LEU A 151 15.58 10.26 -2.12
CA LEU A 151 14.65 10.95 -3.02
C LEU A 151 13.58 10.00 -3.55
N GLN A 152 13.98 8.78 -3.92
CA GLN A 152 13.00 7.81 -4.40
C GLN A 152 12.01 7.47 -3.29
N TYR A 153 12.50 7.32 -2.06
CA TYR A 153 11.59 7.08 -0.94
C TYR A 153 10.61 8.24 -0.79
N LEU A 154 11.11 9.47 -0.86
CA LEU A 154 10.25 10.63 -0.69
C LEU A 154 9.18 10.67 -1.78
N VAL A 155 9.57 10.48 -3.03
CA VAL A 155 8.61 10.56 -4.13
C VAL A 155 7.59 9.44 -4.04
N ALA A 156 8.06 8.21 -3.81
CA ALA A 156 7.15 7.07 -3.73
C ALA A 156 6.17 7.24 -2.57
N THR A 157 6.67 7.65 -1.41
CA THR A 157 5.79 7.84 -0.27
C THR A 157 4.82 8.98 -0.51
N MET A 158 5.25 10.03 -1.22
CA MET A 158 4.35 11.12 -1.54
C MET A 158 3.20 10.64 -2.41
N LEU A 159 3.51 9.88 -3.46
CA LEU A 159 2.45 9.37 -4.33
C LEU A 159 1.53 8.41 -3.58
N TYR A 160 2.12 7.50 -2.80
CA TYR A 160 1.32 6.54 -2.06
C TYR A 160 0.41 7.24 -1.06
N THR A 161 0.93 8.25 -0.37
CA THR A 161 0.10 8.99 0.58
C THR A 161 -0.95 9.83 -0.13
N GLY A 162 -0.66 10.30 -1.34
CA GLY A 162 -1.71 10.96 -2.11
C GLY A 162 -2.86 10.02 -2.40
N ILE A 163 -2.56 8.79 -2.78
CA ILE A 163 -3.62 7.82 -3.03
C ILE A 163 -4.33 7.45 -1.74
N VAL A 164 -3.58 7.35 -0.64
CA VAL A 164 -4.18 7.04 0.66
C VAL A 164 -5.08 8.17 1.12
N ILE A 165 -4.83 9.40 0.67
CA ILE A 165 -5.74 10.49 0.95
C ILE A 165 -6.92 10.47 -0.01
N TYR A 166 -6.69 10.00 -1.23
CA TYR A 166 -7.77 9.89 -2.20
C TYR A 166 -8.85 8.92 -1.71
N ALA A 167 -8.43 7.77 -1.20
CA ALA A 167 -9.40 6.73 -0.85
C ALA A 167 -10.42 7.19 0.19
N PRO A 168 -10.03 7.81 1.31
CA PRO A 168 -11.05 8.33 2.24
C PRO A 168 -11.95 9.36 1.60
N ALA A 169 -11.41 10.17 0.70
CA ALA A 169 -12.26 11.09 -0.05
C ALA A 169 -13.27 10.33 -0.88
N LEU A 170 -12.85 9.21 -1.48
CA LEU A 170 -13.78 8.38 -2.23
C LEU A 170 -14.89 7.88 -1.31
N ILE A 171 -14.54 7.42 -0.12
CA ILE A 171 -15.55 6.95 0.83
C ILE A 171 -16.54 8.06 1.12
N LEU A 172 -16.04 9.23 1.51
CA LEU A 172 -16.91 10.31 1.93
C LEU A 172 -17.81 10.76 0.78
N ASN A 173 -17.24 10.91 -0.42
CA ASN A 173 -18.03 11.31 -1.57
C ASN A 173 -19.10 10.28 -1.88
N GLN A 174 -18.73 9.00 -1.91
CA GLN A 174 -19.65 7.96 -2.31
C GLN A 174 -20.77 7.77 -1.30
N VAL A 175 -20.53 8.11 -0.04
CA VAL A 175 -21.49 7.79 1.00
C VAL A 175 -22.31 8.97 1.48
N THR A 176 -21.84 10.22 1.29
CA THR A 176 -22.53 11.37 1.84
C THR A 176 -23.36 12.14 0.82
N GLY A 177 -22.88 12.25 -0.41
CA GLY A 177 -23.51 13.08 -1.41
C GLY A 177 -22.80 14.37 -1.69
N LEU A 178 -21.49 14.42 -1.52
CA LEU A 178 -20.67 15.59 -1.85
C LEU A 178 -19.78 15.26 -3.04
N ASP A 179 -19.63 16.21 -3.95
CA ASP A 179 -18.82 15.97 -5.12
C ASP A 179 -17.43 15.54 -4.68
N ILE A 180 -16.69 14.85 -5.56
CA ILE A 180 -15.39 14.34 -5.15
C ILE A 180 -14.50 15.47 -4.67
N TRP A 181 -14.74 16.68 -5.16
CA TRP A 181 -13.82 17.79 -4.90
C TRP A 181 -14.11 18.45 -3.56
N ALA A 182 -15.38 18.65 -3.20
CA ALA A 182 -15.67 19.14 -1.86
C ALA A 182 -15.22 18.15 -0.81
N SER A 183 -15.42 16.86 -1.05
CA SER A 183 -14.96 15.84 -0.13
C SER A 183 -13.45 15.82 -0.05
N LEU A 184 -12.76 16.01 -1.17
CA LEU A 184 -11.30 16.08 -1.14
C LEU A 184 -10.83 17.29 -0.35
N LEU A 185 -11.52 18.42 -0.50
CA LEU A 185 -11.18 19.60 0.30
C LEU A 185 -11.34 19.32 1.78
N SER A 186 -12.45 18.69 2.16
CA SER A 186 -12.67 18.36 3.57
C SER A 186 -11.61 17.41 4.08
N THR A 187 -11.26 16.40 3.28
CA THR A 187 -10.22 15.46 3.68
C THR A 187 -8.89 16.16 3.85
N GLY A 188 -8.56 17.09 2.95
CA GLY A 188 -7.33 17.84 3.09
C GLY A 188 -7.32 18.71 4.32
N ILE A 189 -8.45 19.36 4.62
CA ILE A 189 -8.52 20.18 5.83
C ILE A 189 -8.25 19.33 7.05
N ILE A 190 -8.90 18.17 7.13
CA ILE A 190 -8.74 17.32 8.31
C ILE A 190 -7.32 16.77 8.40
N CYS A 191 -6.75 16.35 7.27
CA CYS A 191 -5.39 15.82 7.29
C CYS A 191 -4.40 16.89 7.72
N THR A 192 -4.58 18.13 7.25
CA THR A 192 -3.67 19.20 7.63
C THR A 192 -3.86 19.61 9.08
N LEU A 193 -5.09 19.56 9.60
CA LEU A 193 -5.29 19.78 11.02
C LEU A 193 -4.55 18.72 11.83
N TYR A 194 -4.61 17.46 11.40
CA TYR A 194 -3.87 16.41 12.09
C TYR A 194 -2.37 16.67 12.04
N THR A 195 -1.83 16.93 10.85
CA THR A 195 -0.39 17.01 10.69
C THR A 195 0.18 18.28 11.31
N THR A 196 -0.39 19.43 10.99
CA THR A 196 0.17 20.72 11.40
C THR A 196 -0.36 21.18 12.75
N VAL A 197 -0.83 20.25 13.58
CA VAL A 197 -1.15 20.58 14.96
C VAL A 197 -0.42 19.58 15.86
N GLY A 198 -0.64 18.30 15.64
CA GLY A 198 0.03 17.28 16.41
C GLY A 198 -0.22 15.89 15.88
N GLY A 199 0.82 15.06 15.83
CA GLY A 199 0.69 13.70 15.37
C GLY A 199 -0.33 12.90 16.15
N THR A 206 -1.83 3.03 19.60
CA THR A 206 -3.22 3.19 19.19
C THR A 206 -3.48 2.48 17.86
N ASP A 207 -2.40 2.22 17.11
CA ASP A 207 -2.55 1.47 15.86
C ASP A 207 -3.16 0.11 16.12
N VAL A 208 -2.82 -0.51 17.25
CA VAL A 208 -3.43 -1.78 17.61
C VAL A 208 -4.96 -1.61 17.69
N PHE A 209 -5.40 -0.50 18.28
CA PHE A 209 -6.84 -0.25 18.35
C PHE A 209 -7.44 -0.15 16.95
N GLN A 210 -6.78 0.57 16.04
CA GLN A 210 -7.33 0.71 14.71
C GLN A 210 -7.45 -0.64 14.02
N VAL A 211 -6.39 -1.45 14.08
CA VAL A 211 -6.44 -2.77 13.45
C VAL A 211 -7.56 -3.59 14.05
N VAL A 212 -7.65 -3.63 15.38
CA VAL A 212 -8.68 -4.45 16.03
C VAL A 212 -10.06 -3.99 15.61
N VAL A 213 -10.31 -2.68 15.66
CA VAL A 213 -11.65 -2.17 15.42
C VAL A 213 -12.06 -2.41 13.98
N MET A 214 -11.15 -2.18 13.02
CA MET A 214 -11.53 -2.31 11.63
C MET A 214 -11.61 -3.78 11.20
N LEU A 215 -10.78 -4.64 11.77
CA LEU A 215 -10.91 -6.07 11.50
C LEU A 215 -12.19 -6.63 12.10
N VAL A 216 -12.58 -6.17 13.29
CA VAL A 216 -13.86 -6.56 13.84
C VAL A 216 -14.99 -6.03 12.95
N GLY A 217 -14.82 -4.85 12.38
CA GLY A 217 -15.82 -4.37 11.43
C GLY A 217 -15.94 -5.28 10.22
N PHE A 218 -14.81 -5.73 9.68
CA PHE A 218 -14.83 -6.71 8.60
C PHE A 218 -15.59 -7.96 9.01
N TRP A 219 -15.29 -8.48 10.20
CA TRP A 219 -15.95 -9.70 10.66
C TRP A 219 -17.45 -9.49 10.82
N VAL A 220 -17.85 -8.33 11.34
CA VAL A 220 -19.28 -8.06 11.51
C VAL A 220 -19.98 -7.96 10.16
N ILE A 221 -19.36 -7.28 9.20
CA ILE A 221 -19.95 -7.17 7.87
C ILE A 221 -20.13 -8.56 7.29
N LEU A 222 -19.10 -9.40 7.38
CA LEU A 222 -19.19 -10.76 6.85
C LEU A 222 -20.28 -11.55 7.55
N ALA A 223 -20.37 -11.44 8.87
CA ALA A 223 -21.38 -12.18 9.62
C ALA A 223 -22.78 -11.77 9.17
N ARG A 224 -23.05 -10.47 9.15
CA ARG A 224 -24.37 -10.01 8.76
C ARG A 224 -24.69 -10.45 7.33
N GLY A 225 -23.73 -10.29 6.42
CA GLY A 225 -23.98 -10.68 5.04
C GLY A 225 -24.33 -12.15 4.92
N VAL A 226 -23.49 -13.02 5.47
CA VAL A 226 -23.74 -14.45 5.34
C VAL A 226 -25.01 -14.85 6.07
N ILE A 227 -25.39 -14.11 7.11
CA ILE A 227 -26.68 -14.36 7.76
C ILE A 227 -27.80 -14.07 6.77
N LEU A 228 -27.70 -12.94 6.06
CA LEU A 228 -28.77 -12.57 5.13
C LEU A 228 -28.89 -13.57 3.99
N LEU A 229 -27.76 -13.97 3.41
CA LEU A 229 -27.78 -14.92 2.31
C LEU A 229 -28.14 -16.33 2.74
N GLY A 230 -28.54 -16.56 3.99
CA GLY A 230 -28.89 -17.89 4.46
C GLY A 230 -27.84 -18.46 5.38
N GLY A 231 -27.07 -19.42 4.89
CA GLY A 231 -26.01 -20.03 5.66
C GLY A 231 -24.70 -20.03 4.91
N PRO A 232 -23.60 -20.27 5.62
CA PRO A 232 -22.28 -20.25 4.95
C PRO A 232 -22.16 -21.27 3.85
N ARG A 233 -22.78 -22.45 3.98
CA ARG A 233 -22.74 -23.42 2.90
C ARG A 233 -23.42 -22.88 1.64
N ASN A 234 -24.56 -22.20 1.81
CA ASN A 234 -25.24 -21.63 0.66
C ASN A 234 -24.37 -20.57 -0.02
N VAL A 235 -23.73 -19.71 0.76
CA VAL A 235 -22.86 -18.69 0.18
C VAL A 235 -21.71 -19.35 -0.56
N LEU A 236 -21.10 -20.38 0.03
CA LEU A 236 -19.99 -21.04 -0.63
C LEU A 236 -20.43 -21.70 -1.93
N SER A 237 -21.58 -22.37 -1.93
CA SER A 237 -22.06 -23.01 -3.15
C SER A 237 -22.41 -22.00 -4.22
N LEU A 238 -23.04 -20.88 -3.84
CA LEU A 238 -23.36 -19.85 -4.82
C LEU A 238 -22.10 -19.24 -5.42
N ALA A 239 -21.11 -18.94 -4.57
CA ALA A 239 -19.85 -18.42 -5.10
C ALA A 239 -19.16 -19.45 -5.97
N GLN A 240 -19.34 -20.74 -5.66
CA GLN A 240 -18.71 -21.79 -6.45
C GLN A 240 -19.41 -21.99 -7.79
N GLN A 241 -20.71 -21.71 -7.87
CA GLN A 241 -21.40 -21.83 -9.14
C GLN A 241 -20.82 -20.87 -10.17
N HIS A 242 -20.54 -19.63 -9.74
CA HIS A 242 -20.06 -18.59 -10.64
C HIS A 242 -18.54 -18.50 -10.67
N SER A 243 -17.84 -19.57 -10.30
CA SER A 243 -16.38 -19.64 -10.39
C SER A 243 -15.70 -18.53 -9.61
N ARG A 244 -16.27 -18.16 -8.45
CA ARG A 244 -15.59 -17.24 -7.54
C ARG A 244 -14.65 -17.96 -6.57
N ILE A 245 -14.70 -19.28 -6.49
CA ILE A 245 -13.77 -20.04 -5.67
C ILE A 245 -12.80 -20.75 -6.60
N ASN A 246 -11.69 -20.09 -6.93
CA ASN A 246 -10.74 -20.58 -7.90
C ASN A 246 -9.31 -20.39 -7.39
N LEU A 247 -9.07 -20.81 -6.14
CA LEU A 247 -7.75 -20.64 -5.54
C LEU A 247 -6.66 -21.18 -6.46
N MET A 248 -6.88 -22.36 -7.03
CA MET A 248 -5.88 -22.98 -7.90
C MET A 248 -5.99 -22.36 -9.29
N ASP A 249 -5.31 -21.23 -9.48
CA ASP A 249 -5.25 -20.53 -10.76
C ASP A 249 -3.78 -20.27 -11.07
N PHE A 250 -3.17 -21.20 -11.81
CA PHE A 250 -1.76 -21.13 -12.17
C PHE A 250 -1.55 -20.62 -13.59
N ASP A 251 -2.45 -19.78 -14.08
CA ASP A 251 -2.38 -19.29 -15.45
C ASP A 251 -0.99 -18.74 -15.71
N PRO A 252 -0.17 -19.41 -16.53
CA PRO A 252 1.21 -18.93 -16.74
C PRO A 252 1.29 -17.51 -17.28
N ASP A 253 0.31 -17.08 -18.07
CA ASP A 253 0.44 -15.81 -18.77
C ASP A 253 0.57 -14.67 -17.77
N PRO A 254 1.43 -13.67 -18.02
CA PRO A 254 1.55 -12.55 -17.10
C PRO A 254 0.47 -11.50 -17.26
N ARG A 255 -0.28 -11.51 -18.37
CA ARG A 255 -1.32 -10.50 -18.55
C ARG A 255 -2.47 -10.69 -17.58
N SER A 256 -2.76 -11.92 -17.19
CA SER A 256 -3.78 -12.16 -16.19
C SER A 256 -3.43 -11.38 -14.92
N ARG A 257 -4.39 -10.58 -14.44
CA ARG A 257 -4.07 -9.66 -13.35
C ARG A 257 -3.69 -10.40 -12.07
N TYR A 258 -4.43 -11.45 -11.73
CA TYR A 258 -4.24 -12.16 -10.47
C TYR A 258 -4.08 -13.65 -10.74
N THR A 259 -2.87 -14.16 -10.51
CA THR A 259 -2.58 -15.58 -10.63
C THR A 259 -1.55 -15.95 -9.59
N PHE A 260 -1.33 -17.24 -9.41
CA PHE A 260 -0.35 -17.69 -8.42
C PHE A 260 1.01 -17.07 -8.69
N TRP A 261 1.48 -17.15 -9.94
CA TRP A 261 2.78 -16.58 -10.28
C TRP A 261 2.79 -15.09 -10.02
N THR A 262 1.74 -14.39 -10.46
CA THR A 262 1.70 -12.95 -10.29
C THR A 262 1.84 -12.56 -8.83
N PHE A 263 1.05 -13.17 -7.95
CA PHE A 263 1.19 -12.87 -6.53
C PHE A 263 2.58 -13.21 -6.06
N ILE A 264 2.95 -14.48 -6.12
CA ILE A 264 4.21 -14.95 -5.53
C ILE A 264 5.40 -14.12 -5.98
N VAL A 265 5.35 -13.52 -7.17
CA VAL A 265 6.50 -12.76 -7.64
C VAL A 265 6.28 -11.27 -7.44
N GLY A 266 5.31 -10.70 -8.15
CA GLY A 266 5.12 -9.26 -8.10
C GLY A 266 4.71 -8.78 -6.72
N GLY A 267 3.74 -9.47 -6.10
CA GLY A 267 3.29 -9.03 -4.80
C GLY A 267 4.36 -9.20 -3.74
N THR A 268 5.14 -10.28 -3.83
CA THR A 268 6.25 -10.46 -2.92
C THR A 268 7.24 -9.30 -3.04
N LEU A 269 7.65 -8.96 -4.27
CA LEU A 269 8.62 -7.89 -4.43
C LEU A 269 8.06 -6.55 -4.00
N VAL A 270 6.78 -6.30 -4.26
CA VAL A 270 6.17 -5.03 -3.87
C VAL A 270 6.07 -4.94 -2.35
N TRP A 271 5.67 -6.03 -1.68
CA TRP A 271 5.61 -5.98 -0.23
C TRP A 271 6.99 -5.90 0.37
N LEU A 272 8.01 -6.41 -0.33
CA LEU A 272 9.38 -6.24 0.13
C LEU A 272 9.79 -4.78 0.05
N SER A 273 9.46 -4.11 -1.05
CA SER A 273 9.77 -2.69 -1.18
C SER A 273 8.81 -1.80 -0.41
N MET A 274 7.85 -2.39 0.30
CA MET A 274 6.99 -1.65 1.21
C MET A 274 7.24 -1.96 2.68
N TYR A 275 7.90 -3.07 3.00
CA TYR A 275 8.30 -3.42 4.36
C TYR A 275 9.79 -3.73 4.49
N GLY A 276 10.36 -4.45 3.53
CA GLY A 276 11.72 -4.92 3.68
C GLY A 276 12.74 -3.80 3.73
N VAL A 277 12.60 -2.81 2.86
CA VAL A 277 13.61 -1.77 2.71
C VAL A 277 13.00 -0.40 2.88
N ASN A 278 11.78 -0.33 3.40
CA ASN A 278 11.17 0.95 3.69
C ASN A 278 11.94 1.64 4.82
N GLN A 279 11.61 2.91 5.06
CA GLN A 279 12.26 3.66 6.12
C GLN A 279 11.55 3.48 7.46
N ALA A 280 10.25 3.78 7.52
CA ALA A 280 9.55 3.75 8.80
C ALA A 280 9.53 2.34 9.40
N GLN A 281 9.31 1.32 8.57
CA GLN A 281 9.25 -0.04 9.08
C GLN A 281 10.60 -0.47 9.62
N VAL A 282 11.69 -0.15 8.91
CA VAL A 282 13.01 -0.53 9.37
C VAL A 282 13.36 0.21 10.66
N GLN A 283 13.00 1.49 10.76
CA GLN A 283 13.23 2.22 12.00
C GLN A 283 12.48 1.60 13.15
N ARG A 284 11.23 1.17 12.92
CA ARG A 284 10.50 0.48 13.98
C ARG A 284 11.21 -0.81 14.38
N TYR A 285 11.72 -1.56 13.40
CA TYR A 285 12.48 -2.77 13.73
C TYR A 285 13.65 -2.46 14.64
N VAL A 286 14.49 -1.50 14.23
CA VAL A 286 15.77 -1.29 14.89
C VAL A 286 15.65 -0.71 16.29
N ALA A 287 14.44 -0.30 16.69
CA ALA A 287 14.23 0.21 18.04
C ALA A 287 14.07 -0.89 19.08
N CYS A 288 13.90 -2.14 18.66
CA CYS A 288 13.67 -3.25 19.58
C CYS A 288 15.02 -3.77 20.09
N HIS A 289 14.99 -4.92 20.77
CA HIS A 289 16.15 -5.44 21.46
C HIS A 289 16.51 -6.84 20.94
N THR A 290 17.80 -7.15 21.02
CA THR A 290 18.36 -8.50 20.90
C THR A 290 18.06 -9.18 19.56
N GLU A 291 17.44 -8.47 18.62
CA GLU A 291 17.11 -8.95 17.28
C GLU A 291 16.08 -10.06 17.30
N GLY A 292 15.67 -10.55 18.47
CA GLY A 292 14.63 -11.56 18.55
C GLY A 292 13.28 -10.90 18.67
N LYS A 293 13.20 -9.85 19.48
CA LYS A 293 11.97 -9.10 19.59
C LYS A 293 11.59 -8.51 18.24
N ALA A 294 12.58 -8.11 17.44
CA ALA A 294 12.28 -7.59 16.11
C ALA A 294 11.66 -8.64 15.22
N LYS A 295 12.23 -9.85 15.20
CA LYS A 295 11.66 -10.92 14.38
C LYS A 295 10.27 -11.30 14.85
N LEU A 296 10.06 -11.36 16.18
CA LEU A 296 8.74 -11.69 16.70
C LEU A 296 7.73 -10.62 16.33
N ALA A 297 8.13 -9.35 16.40
CA ALA A 297 7.24 -8.28 15.96
C ALA A 297 6.91 -8.42 14.48
N LEU A 298 7.90 -8.79 13.66
CA LEU A 298 7.65 -8.95 12.23
C LEU A 298 6.68 -10.08 11.97
N LEU A 299 6.84 -11.22 12.64
CA LEU A 299 5.93 -12.34 12.43
C LEU A 299 4.54 -12.04 12.95
N VAL A 300 4.42 -11.30 14.06
CA VAL A 300 3.10 -10.92 14.54
C VAL A 300 2.44 -9.95 13.55
N ASN A 301 3.24 -9.05 12.97
CA ASN A 301 2.74 -8.21 11.89
C ASN A 301 2.23 -9.05 10.73
N GLN A 302 2.96 -10.12 10.40
CA GLN A 302 2.53 -10.99 9.31
C GLN A 302 1.20 -11.67 9.63
N LEU A 303 1.04 -12.13 10.87
CA LEU A 303 -0.25 -12.72 11.25
C LEU A 303 -1.36 -11.69 11.15
N GLY A 304 -1.11 -10.47 11.59
CA GLY A 304 -2.11 -9.42 11.47
C GLY A 304 -2.49 -9.14 10.03
N LEU A 305 -1.49 -9.08 9.15
CA LEU A 305 -1.77 -8.86 7.73
C LEU A 305 -2.56 -10.02 7.14
N PHE A 306 -2.18 -11.25 7.47
CA PHE A 306 -2.94 -12.41 7.01
C PHE A 306 -4.40 -12.28 7.42
N LEU A 307 -4.65 -11.96 8.69
CA LEU A 307 -6.02 -11.83 9.16
C LEU A 307 -6.77 -10.73 8.42
N ILE A 308 -6.15 -9.56 8.27
CA ILE A 308 -6.85 -8.44 7.63
C ILE A 308 -7.20 -8.80 6.20
N VAL A 309 -6.22 -9.28 5.42
CA VAL A 309 -6.47 -9.53 4.01
C VAL A 309 -7.34 -10.75 3.78
N ALA A 310 -7.37 -11.71 4.70
CA ALA A 310 -8.30 -12.82 4.55
C ALA A 310 -9.72 -12.39 4.86
N SER A 311 -9.90 -11.57 5.89
CA SER A 311 -11.23 -11.04 6.17
C SER A 311 -11.73 -10.21 5.00
N ALA A 312 -10.86 -9.39 4.41
CA ALA A 312 -11.28 -8.59 3.26
C ALA A 312 -11.61 -9.48 2.07
N ALA A 313 -10.78 -10.48 1.78
CA ALA A 313 -11.04 -11.34 0.62
C ALA A 313 -12.29 -12.18 0.81
N CYS A 314 -12.70 -12.44 2.06
CA CYS A 314 -13.95 -13.15 2.27
C CYS A 314 -15.15 -12.20 2.24
N CYS A 315 -14.99 -10.96 2.73
CA CYS A 315 -16.04 -9.98 2.58
C CYS A 315 -16.31 -9.68 1.11
N GLY A 316 -15.27 -9.76 0.27
CA GLY A 316 -15.50 -9.59 -1.15
C GLY A 316 -16.39 -10.66 -1.75
N ILE A 317 -16.16 -11.92 -1.35
CA ILE A 317 -16.99 -13.02 -1.85
C ILE A 317 -18.42 -12.87 -1.34
N VAL A 318 -18.58 -12.48 -0.07
CA VAL A 318 -19.93 -12.24 0.45
C VAL A 318 -20.59 -11.12 -0.35
N MET A 319 -19.84 -10.08 -0.65
CA MET A 319 -20.37 -8.95 -1.41
C MET A 319 -20.83 -9.39 -2.79
N PHE A 320 -20.03 -10.21 -3.47
CA PHE A 320 -20.45 -10.71 -4.78
C PHE A 320 -21.72 -11.54 -4.67
N VAL A 321 -21.72 -12.53 -3.78
CA VAL A 321 -22.90 -13.40 -3.68
C VAL A 321 -24.13 -12.58 -3.35
N TYR A 322 -23.95 -11.48 -2.60
CA TYR A 322 -25.07 -10.58 -2.37
C TYR A 322 -25.53 -9.95 -3.68
N TYR A 323 -24.60 -9.42 -4.46
CA TYR A 323 -24.91 -8.85 -5.77
C TYR A 323 -24.76 -9.88 -6.88
N LYS A 324 -25.35 -11.06 -6.68
CA LYS A 324 -25.26 -12.09 -7.70
C LYS A 324 -26.04 -11.69 -8.95
N ASP A 325 -27.21 -11.08 -8.76
CA ASP A 325 -28.02 -10.56 -9.85
C ASP A 325 -28.41 -9.12 -9.52
N CYS A 326 -28.52 -8.31 -10.56
CA CYS A 326 -28.55 -6.85 -10.43
C CYS A 326 -27.26 -6.37 -9.78
N ASP A 327 -26.17 -6.60 -10.49
CA ASP A 327 -24.86 -6.12 -10.06
C ASP A 327 -24.80 -4.60 -10.15
N PRO A 328 -24.45 -3.90 -9.07
CA PRO A 328 -24.49 -2.44 -9.13
C PRO A 328 -23.60 -1.83 -10.20
N LEU A 329 -22.48 -2.46 -10.53
CA LEU A 329 -21.52 -1.82 -11.44
C LEU A 329 -22.15 -1.59 -12.81
N LEU A 330 -22.50 -2.67 -13.50
CA LEU A 330 -23.13 -2.52 -14.83
C LEU A 330 -24.64 -2.35 -14.72
N THR A 331 -25.05 -1.46 -13.83
CA THR A 331 -26.44 -1.03 -13.74
C THR A 331 -26.56 0.45 -13.44
N GLY A 332 -25.45 1.18 -13.37
CA GLY A 332 -25.47 2.60 -13.08
C GLY A 332 -25.59 2.95 -11.62
N ARG A 333 -25.75 1.96 -10.73
CA ARG A 333 -25.90 2.27 -9.31
C ARG A 333 -24.60 2.83 -8.74
N ILE A 334 -23.45 2.35 -9.23
CA ILE A 334 -22.14 2.89 -8.89
C ILE A 334 -21.36 3.07 -10.17
N SER A 335 -20.28 3.85 -10.08
CA SER A 335 -19.52 4.28 -11.25
C SER A 335 -18.28 3.43 -11.53
N ALA A 336 -17.52 3.11 -10.50
CA ALA A 336 -16.25 2.41 -10.63
C ALA A 336 -16.20 1.23 -9.67
N PRO A 337 -15.33 0.25 -9.93
CA PRO A 337 -15.28 -0.92 -9.05
C PRO A 337 -14.44 -0.68 -7.81
N ASP A 338 -14.61 0.48 -7.19
CA ASP A 338 -14.07 0.77 -5.88
C ASP A 338 -15.13 1.32 -4.94
N GLN A 339 -16.32 1.61 -5.44
CA GLN A 339 -17.47 2.00 -4.65
C GLN A 339 -18.27 0.80 -4.19
N TYR A 340 -17.77 -0.41 -4.45
CA TYR A 340 -18.48 -1.62 -4.05
C TYR A 340 -18.64 -1.69 -2.54
N MET A 341 -17.55 -1.50 -1.79
CA MET A 341 -17.59 -1.76 -0.35
C MET A 341 -18.50 -0.79 0.39
N PRO A 342 -18.41 0.53 0.20
CA PRO A 342 -19.36 1.41 0.89
C PRO A 342 -20.80 1.12 0.53
N LEU A 343 -21.06 0.78 -0.74
CA LEU A 343 -22.42 0.43 -1.13
C LEU A 343 -22.89 -0.82 -0.40
N LEU A 344 -22.02 -1.81 -0.26
CA LEU A 344 -22.37 -3.01 0.50
C LEU A 344 -22.67 -2.65 1.95
N VAL A 345 -21.83 -1.81 2.55
CA VAL A 345 -22.04 -1.45 3.96
C VAL A 345 -23.39 -0.77 4.12
N LEU A 346 -23.73 0.15 3.22
CA LEU A 346 -25.01 0.84 3.32
C LEU A 346 -26.18 -0.12 3.06
N ASP A 347 -26.04 -1.03 2.10
CA ASP A 347 -27.14 -1.91 1.74
C ASP A 347 -27.43 -2.91 2.86
N ILE A 348 -26.39 -3.59 3.37
CA ILE A 348 -26.61 -4.59 4.40
C ILE A 348 -27.18 -3.94 5.65
N PHE A 349 -26.55 -2.87 6.12
CA PHE A 349 -27.00 -2.17 7.32
C PHE A 349 -27.96 -1.04 6.96
N GLU A 350 -28.98 -1.36 6.17
CA GLU A 350 -30.09 -0.45 5.94
C GLU A 350 -31.18 -0.62 6.98
N ASP A 351 -30.98 -1.53 7.94
CA ASP A 351 -31.88 -1.69 9.07
C ASP A 351 -31.25 -1.30 10.40
N LEU A 352 -29.92 -1.18 10.47
CA LEU A 352 -29.25 -0.71 11.67
C LEU A 352 -28.93 0.76 11.51
N PRO A 353 -29.53 1.66 12.28
CA PRO A 353 -29.39 3.09 11.99
C PRO A 353 -27.96 3.62 12.13
N GLY A 354 -27.08 2.91 12.81
CA GLY A 354 -25.79 3.49 13.18
C GLY A 354 -24.55 2.82 12.60
N VAL A 355 -24.62 1.52 12.35
CA VAL A 355 -23.41 0.78 12.00
C VAL A 355 -22.65 1.41 10.83
N PRO A 356 -23.30 1.87 9.76
CA PRO A 356 -22.52 2.46 8.65
C PRO A 356 -21.65 3.62 9.09
N GLY A 357 -22.20 4.50 9.92
CA GLY A 357 -21.44 5.66 10.35
C GLY A 357 -20.23 5.27 11.18
N LEU A 358 -20.42 4.37 12.14
CA LEU A 358 -19.30 3.92 12.95
C LEU A 358 -18.21 3.30 12.09
N PHE A 359 -18.58 2.33 11.24
CA PHE A 359 -17.55 1.62 10.50
C PHE A 359 -16.81 2.56 9.56
N LEU A 360 -17.53 3.40 8.82
CA LEU A 360 -16.87 4.27 7.86
C LEU A 360 -16.13 5.43 8.53
N ALA A 361 -16.62 5.91 9.67
CA ALA A 361 -15.87 6.91 10.43
C ALA A 361 -14.53 6.34 10.90
N CYS A 362 -14.53 5.09 11.37
CA CYS A 362 -13.27 4.46 11.74
C CYS A 362 -12.36 4.30 10.53
N ALA A 363 -12.91 3.75 9.44
CA ALA A 363 -12.12 3.53 8.23
C ALA A 363 -11.63 4.83 7.60
N TYR A 364 -12.22 5.97 7.99
CA TYR A 364 -11.80 7.28 7.52
C TYR A 364 -10.74 7.90 8.42
N SER A 365 -11.01 7.95 9.72
CA SER A 365 -10.09 8.58 10.66
C SER A 365 -8.80 7.79 10.78
N GLY A 366 -8.86 6.47 10.79
CA GLY A 366 -7.62 5.71 10.92
C GLY A 366 -6.70 5.89 9.73
N THR A 367 -7.25 6.03 8.53
CA THR A 367 -6.42 6.27 7.37
C THR A 367 -5.94 7.71 7.27
N LEU A 368 -6.72 8.67 7.78
CA LEU A 368 -6.17 10.02 7.87
C LEU A 368 -5.01 10.06 8.86
N SER A 369 -5.12 9.32 9.97
CA SER A 369 -4.00 9.22 10.89
C SER A 369 -2.79 8.59 10.22
N THR A 370 -3.02 7.55 9.42
CA THR A 370 -1.92 6.95 8.66
C THR A 370 -1.27 7.97 7.74
N ALA A 371 -2.08 8.77 7.05
CA ALA A 371 -1.53 9.78 6.15
C ALA A 371 -0.71 10.82 6.90
N SER A 372 -1.20 11.27 8.05
CA SER A 372 -0.45 12.24 8.84
C SER A 372 0.88 11.64 9.30
N THR A 373 0.86 10.39 9.76
CA THR A 373 2.09 9.76 10.20
C THR A 373 3.09 9.64 9.06
N SER A 374 2.62 9.24 7.88
CA SER A 374 3.52 9.12 6.74
C SER A 374 4.10 10.47 6.35
N ILE A 375 3.27 11.52 6.37
CA ILE A 375 3.74 12.86 6.01
C ILE A 375 4.78 13.34 7.01
N ASN A 376 4.53 13.16 8.29
CA ASN A 376 5.49 13.59 9.30
C ASN A 376 6.78 12.79 9.21
N ALA A 377 6.68 11.49 8.95
CA ALA A 377 7.89 10.70 8.75
C ALA A 377 8.67 11.20 7.54
N MET A 378 7.97 11.58 6.48
CA MET A 378 8.63 12.14 5.31
C MET A 378 9.38 13.41 5.67
N ALA A 379 8.74 14.32 6.38
CA ALA A 379 9.41 15.55 6.78
C ALA A 379 10.61 15.26 7.66
N ALA A 380 10.45 14.34 8.61
CA ALA A 380 11.54 14.02 9.52
C ALA A 380 12.73 13.44 8.78
N VAL A 381 12.49 12.51 7.86
CA VAL A 381 13.61 11.93 7.13
C VAL A 381 14.25 12.96 6.22
N THR A 382 13.46 13.88 5.65
CA THR A 382 14.07 14.92 4.83
C THR A 382 14.98 15.81 5.66
N VAL A 383 14.54 16.19 6.86
CA VAL A 383 15.30 17.12 7.69
C VAL A 383 16.36 16.41 8.53
N GLU A 384 16.43 15.09 8.49
CA GLU A 384 17.46 14.32 9.18
C GLU A 384 18.51 13.73 8.25
N ASP A 385 18.14 13.32 7.04
CA ASP A 385 19.05 12.62 6.14
C ASP A 385 19.57 13.48 4.99
N LEU A 386 18.98 14.65 4.76
CA LEU A 386 19.34 15.49 3.63
C LEU A 386 19.79 16.88 4.01
N ILE A 387 19.15 17.51 4.99
CA ILE A 387 19.46 18.89 5.35
C ILE A 387 20.57 18.91 6.39
N LYS A 388 20.34 18.30 7.55
CA LYS A 388 21.32 18.38 8.63
C LYS A 388 22.68 17.86 8.19
N PRO A 389 22.81 16.71 7.54
CA PRO A 389 24.13 16.33 6.99
C PRO A 389 24.71 17.37 6.05
N ARG A 390 23.88 18.04 5.25
CA ARG A 390 24.39 19.02 4.29
C ARG A 390 24.71 20.34 4.98
N MET A 391 23.71 20.96 5.61
CA MET A 391 23.94 22.21 6.32
C MET A 391 24.83 21.96 7.54
N PRO A 392 25.69 22.91 7.88
CA PRO A 392 26.64 22.67 8.98
C PRO A 392 25.96 22.31 10.28
N GLY A 393 25.12 23.21 10.79
CA GLY A 393 24.41 23.01 12.02
C GLY A 393 23.58 24.22 12.38
N LEU A 394 22.32 23.98 12.76
CA LEU A 394 21.36 25.05 12.99
C LEU A 394 20.64 24.81 14.31
N ALA A 395 20.24 25.91 14.96
CA ALA A 395 19.63 25.85 16.27
C ALA A 395 18.38 24.97 16.26
N PRO A 396 17.87 24.58 17.44
CA PRO A 396 16.67 23.74 17.47
C PRO A 396 15.40 24.45 17.03
N ARG A 397 15.43 25.77 16.82
CA ARG A 397 14.24 26.49 16.40
C ARG A 397 14.09 26.49 14.88
N LYS A 398 15.15 26.87 14.17
CA LYS A 398 15.08 26.89 12.72
C LYS A 398 14.80 25.50 12.17
N LEU A 399 15.35 24.47 12.82
CA LEU A 399 15.16 23.12 12.31
C LEU A 399 13.74 22.62 12.53
N VAL A 400 13.14 22.92 13.69
CA VAL A 400 11.74 22.54 13.88
C VAL A 400 10.84 23.32 12.94
N PHE A 401 11.18 24.59 12.68
CA PHE A 401 10.40 25.38 11.73
C PHE A 401 10.51 24.81 10.32
N ILE A 402 11.71 24.38 9.93
CA ILE A 402 11.87 23.72 8.63
C ILE A 402 11.11 22.41 8.59
N SER A 403 11.09 21.68 9.70
CA SER A 403 10.33 20.43 9.75
C SER A 403 8.84 20.70 9.55
N LYS A 404 8.31 21.73 10.20
CA LYS A 404 6.92 22.09 9.97
C LYS A 404 6.69 22.49 8.52
N GLY A 405 7.62 23.26 7.95
CA GLY A 405 7.48 23.65 6.56
C GLY A 405 7.44 22.47 5.62
N LEU A 406 8.30 21.49 5.84
CA LEU A 406 8.31 20.30 4.99
C LEU A 406 7.08 19.44 5.21
N SER A 407 6.60 19.35 6.46
CA SER A 407 5.36 18.62 6.69
C SER A 407 4.21 19.26 5.93
N PHE A 408 4.12 20.59 5.96
CA PHE A 408 3.05 21.28 5.24
C PHE A 408 3.21 21.09 3.73
N ILE A 409 4.43 21.22 3.22
CA ILE A 409 4.66 21.06 1.79
C ILE A 409 4.24 19.67 1.35
N TYR A 410 4.63 18.65 2.12
CA TYR A 410 4.28 17.29 1.74
C TYR A 410 2.78 17.06 1.87
N GLY A 411 2.12 17.67 2.85
CA GLY A 411 0.68 17.58 2.90
C GLY A 411 0.04 18.12 1.63
N SER A 412 0.48 19.29 1.17
CA SER A 412 -0.10 19.87 -0.03
C SER A 412 0.21 19.03 -1.27
N ALA A 413 1.45 18.53 -1.39
CA ALA A 413 1.80 17.72 -2.54
C ALA A 413 1.02 16.41 -2.55
N CYS A 414 0.82 15.81 -1.38
CA CYS A 414 0.02 14.59 -1.31
C CYS A 414 -1.43 14.86 -1.65
N LEU A 415 -1.97 16.00 -1.21
CA LEU A 415 -3.35 16.33 -1.58
C LEU A 415 -3.46 16.53 -3.08
N THR A 416 -2.47 17.18 -3.69
CA THR A 416 -2.50 17.37 -5.13
C THR A 416 -2.44 16.04 -5.86
N VAL A 417 -1.62 15.10 -5.38
CA VAL A 417 -1.57 13.77 -5.99
C VAL A 417 -2.90 13.06 -5.82
N ALA A 418 -3.54 13.24 -4.67
CA ALA A 418 -4.87 12.67 -4.48
C ALA A 418 -5.84 13.22 -5.52
N ALA A 419 -5.80 14.53 -5.76
CA ALA A 419 -6.68 15.12 -6.76
C ALA A 419 -6.38 14.59 -8.16
N LEU A 420 -5.10 14.42 -8.48
CA LEU A 420 -4.74 13.85 -9.78
C LEU A 420 -5.28 12.44 -9.93
N SER A 421 -5.19 11.64 -8.86
CA SER A 421 -5.75 10.29 -8.90
C SER A 421 -7.26 10.33 -9.08
N SER A 422 -7.93 11.28 -8.41
CA SER A 422 -9.37 11.42 -8.59
C SER A 422 -9.70 11.74 -10.04
N LEU A 423 -8.91 12.61 -10.66
CA LEU A 423 -9.18 12.98 -12.05
C LEU A 423 -8.95 11.80 -12.98
N LEU A 424 -7.81 11.13 -12.85
CA LEU A 424 -7.47 10.08 -13.81
C LEU A 424 -8.49 8.96 -13.79
N GLY A 425 -8.91 8.53 -12.60
CA GLY A 425 -9.87 7.45 -12.51
C GLY A 425 -9.96 6.85 -11.12
N GLY A 426 -9.87 5.53 -11.04
CA GLY A 426 -9.97 4.85 -9.75
C GLY A 426 -8.93 3.76 -9.59
N GLY A 427 -9.21 2.83 -8.68
CA GLY A 427 -8.28 1.77 -8.39
C GLY A 427 -7.34 2.14 -7.26
N VAL A 428 -7.89 2.49 -6.10
CA VAL A 428 -7.05 2.91 -4.98
C VAL A 428 -6.01 1.83 -4.67
N LEU A 429 -6.45 0.58 -4.59
CA LEU A 429 -5.52 -0.52 -4.38
C LEU A 429 -4.54 -0.62 -5.54
N GLN A 430 -5.07 -0.70 -6.76
CA GLN A 430 -4.21 -0.81 -7.93
C GLN A 430 -3.31 0.41 -8.06
N GLY A 431 -3.85 1.60 -7.82
CA GLY A 431 -3.04 2.80 -7.96
C GLY A 431 -1.93 2.87 -6.95
N SER A 432 -2.23 2.53 -5.69
CA SER A 432 -1.20 2.55 -4.66
C SER A 432 -0.10 1.54 -4.97
N PHE A 433 -0.48 0.31 -5.31
CA PHE A 433 0.52 -0.68 -5.69
C PHE A 433 1.30 -0.22 -6.90
N THR A 434 0.63 0.42 -7.86
CA THR A 434 1.32 0.86 -9.08
C THR A 434 2.38 1.90 -8.75
N VAL A 435 2.01 2.96 -8.04
CA VAL A 435 2.98 4.02 -7.74
C VAL A 435 4.11 3.46 -6.89
N MET A 436 3.77 2.74 -5.82
CA MET A 436 4.79 2.24 -4.92
C MET A 436 5.74 1.29 -5.63
N GLY A 437 5.21 0.30 -6.33
CA GLY A 437 6.07 -0.61 -7.06
C GLY A 437 6.91 0.14 -8.09
N VAL A 438 6.26 0.99 -8.89
CA VAL A 438 6.94 1.63 -10.01
C VAL A 438 8.14 2.42 -9.53
N ILE A 439 8.02 3.11 -8.40
CA ILE A 439 9.12 3.94 -7.91
C ILE A 439 10.09 3.13 -7.05
N SER A 440 9.61 2.43 -6.03
CA SER A 440 10.47 1.78 -5.07
C SER A 440 11.04 0.45 -5.54
N GLY A 441 10.61 -0.08 -6.68
CA GLY A 441 11.13 -1.34 -7.15
C GLY A 441 12.60 -1.28 -7.47
N PRO A 442 13.02 -0.30 -8.27
CA PRO A 442 14.47 -0.14 -8.51
C PRO A 442 15.26 0.15 -7.25
N LEU A 443 14.68 0.86 -6.29
CA LEU A 443 15.35 1.07 -5.02
C LEU A 443 15.58 -0.26 -4.29
N LEU A 444 14.57 -1.12 -4.28
CA LEU A 444 14.74 -2.44 -3.70
C LEU A 444 15.78 -3.23 -4.47
N GLY A 445 15.84 -3.05 -5.78
CA GLY A 445 16.87 -3.70 -6.56
C GLY A 445 18.26 -3.25 -6.15
N ALA A 446 18.43 -1.95 -5.91
CA ALA A 446 19.71 -1.44 -5.44
C ALA A 446 20.06 -2.05 -4.09
N PHE A 447 19.11 -2.06 -3.16
CA PHE A 447 19.36 -2.65 -1.85
C PHE A 447 19.79 -4.10 -1.98
N THR A 448 19.04 -4.88 -2.77
CA THR A 448 19.34 -6.30 -2.92
C THR A 448 20.69 -6.52 -3.58
N LEU A 449 21.01 -5.71 -4.59
CA LEU A 449 22.30 -5.84 -5.26
C LEU A 449 23.44 -5.57 -4.29
N GLY A 450 23.28 -4.56 -3.43
CA GLY A 450 24.29 -4.30 -2.42
C GLY A 450 24.39 -5.39 -1.38
N MET A 451 23.25 -5.96 -0.99
CA MET A 451 23.22 -6.93 0.09
C MET A 451 23.59 -8.35 -0.34
N LEU A 452 23.58 -8.64 -1.64
CA LEU A 452 23.79 -10.02 -2.07
C LEU A 452 24.72 -10.12 -3.28
N LEU A 453 25.41 -9.06 -3.67
CA LEU A 453 26.36 -9.13 -4.77
C LEU A 453 27.62 -8.36 -4.41
N PRO A 454 28.74 -9.05 -4.17
CA PRO A 454 29.98 -8.33 -3.82
C PRO A 454 30.38 -7.31 -4.88
N ALA A 455 30.58 -7.77 -6.11
CA ALA A 455 31.08 -6.90 -7.17
C ALA A 455 30.00 -5.92 -7.63
N CYS A 456 29.92 -4.78 -6.95
CA CYS A 456 28.93 -3.76 -7.31
C CYS A 456 29.40 -2.42 -6.77
N ASN A 457 29.47 -1.42 -7.63
CA ASN A 457 29.97 -0.09 -7.27
C ASN A 457 28.88 0.95 -7.53
N THR A 458 29.21 2.20 -7.21
CA THR A 458 28.22 3.27 -7.36
C THR A 458 27.76 3.43 -8.79
N PRO A 459 28.63 3.41 -9.81
CA PRO A 459 28.11 3.49 -11.18
C PRO A 459 27.09 2.42 -11.48
N GLY A 460 27.34 1.19 -11.03
CA GLY A 460 26.40 0.12 -11.28
C GLY A 460 25.04 0.38 -10.67
N VAL A 461 25.01 0.79 -9.40
CA VAL A 461 23.74 1.02 -8.74
C VAL A 461 23.00 2.18 -9.38
N LEU A 462 23.72 3.26 -9.69
CA LEU A 462 23.04 4.42 -10.25
C LEU A 462 22.48 4.12 -11.64
N SER A 463 23.27 3.46 -12.49
CA SER A 463 22.77 3.10 -13.81
C SER A 463 21.62 2.12 -13.70
N GLY A 464 21.69 1.18 -12.75
CA GLY A 464 20.60 0.27 -12.55
C GLY A 464 19.33 0.96 -12.12
N LEU A 465 19.46 1.95 -11.23
CA LEU A 465 18.29 2.71 -10.82
C LEU A 465 17.70 3.47 -12.01
N ALA A 466 18.55 4.09 -12.82
CA ALA A 466 18.07 4.81 -13.99
C ALA A 466 17.30 3.87 -14.92
N ALA A 467 17.92 2.74 -15.27
CA ALA A 467 17.25 1.80 -16.18
C ALA A 467 15.97 1.23 -15.58
N GLY A 468 16.01 0.92 -14.29
CA GLY A 468 14.83 0.34 -13.66
C GLY A 468 13.66 1.31 -13.63
N LEU A 469 13.93 2.56 -13.26
CA LEU A 469 12.87 3.55 -13.30
C LEU A 469 12.39 3.78 -14.73
N ALA A 470 13.31 3.77 -15.70
CA ALA A 470 12.90 3.94 -17.08
C ALA A 470 11.90 2.86 -17.50
N VAL A 471 12.26 1.59 -17.30
CA VAL A 471 11.39 0.51 -17.74
C VAL A 471 10.11 0.47 -16.93
N SER A 472 10.21 0.71 -15.63
CA SER A 472 9.05 0.65 -14.75
C SER A 472 8.04 1.74 -15.13
N LEU A 473 8.51 2.95 -15.38
CA LEU A 473 7.62 4.01 -15.85
C LEU A 473 7.12 3.72 -17.26
N TRP A 474 7.93 3.06 -18.08
CA TRP A 474 7.46 2.66 -19.39
C TRP A 474 6.18 1.86 -19.29
N VAL A 475 6.18 0.82 -18.44
CA VAL A 475 4.97 0.03 -18.27
C VAL A 475 3.90 0.82 -17.53
N ALA A 476 4.29 1.61 -16.53
CA ALA A 476 3.32 2.34 -15.74
C ALA A 476 2.49 3.29 -16.59
N VAL A 477 3.09 3.86 -17.64
CA VAL A 477 2.37 4.79 -18.51
C VAL A 477 1.76 4.05 -19.69
N GLY A 478 2.55 3.24 -20.40
CA GLY A 478 2.01 2.49 -21.52
C GLY A 478 0.85 1.59 -21.15
N ALA A 479 0.71 1.26 -19.87
CA ALA A 479 -0.45 0.54 -19.37
C ALA A 479 -1.55 1.45 -18.88
N THR A 480 -1.33 2.76 -18.83
CA THR A 480 -2.36 3.75 -18.51
C THR A 480 -2.94 4.40 -19.76
N LEU A 481 -2.10 4.62 -20.78
CA LEU A 481 -2.60 5.12 -22.05
C LEU A 481 -3.45 4.06 -22.75
N TYR A 482 -3.08 2.80 -22.61
CA TYR A 482 -3.76 1.69 -23.29
C TYR A 482 -4.11 0.63 -22.26
N PRO A 483 -5.12 0.87 -21.43
CA PRO A 483 -5.46 -0.09 -20.38
C PRO A 483 -5.75 -1.46 -20.98
N PRO A 484 -5.35 -2.53 -20.29
CA PRO A 484 -5.59 -3.87 -20.84
C PRO A 484 -7.07 -4.20 -20.89
N GLY A 485 -7.43 -5.08 -21.81
CA GLY A 485 -8.81 -5.47 -21.95
C GLY A 485 -9.33 -6.13 -20.68
N GLU A 486 -10.62 -5.93 -20.42
CA GLU A 486 -11.23 -6.52 -19.23
C GLU A 486 -11.20 -8.03 -19.26
N GLN A 487 -11.20 -8.64 -20.44
CA GLN A 487 -11.22 -10.09 -20.55
C GLN A 487 -9.84 -10.71 -20.50
N THR A 488 -8.80 -9.99 -20.92
CA THR A 488 -7.44 -10.48 -20.73
C THR A 488 -7.06 -10.45 -19.26
N MET A 489 -7.59 -9.50 -18.50
CA MET A 489 -7.35 -9.42 -17.06
C MET A 489 -8.07 -10.51 -16.28
N GLY A 490 -8.93 -11.29 -16.93
CA GLY A 490 -9.65 -12.34 -16.25
C GLY A 490 -10.64 -11.86 -15.22
N VAL A 491 -11.44 -10.86 -15.55
CA VAL A 491 -12.53 -10.43 -14.68
C VAL A 491 -13.67 -11.42 -14.84
N LEU A 492 -14.09 -12.03 -13.73
CA LEU A 492 -15.07 -13.09 -13.80
C LEU A 492 -16.44 -12.53 -14.19
N PRO A 493 -17.29 -13.35 -14.82
CA PRO A 493 -18.54 -12.83 -15.38
C PRO A 493 -19.46 -12.27 -14.29
N THR A 494 -20.53 -11.62 -14.74
CA THR A 494 -21.50 -11.02 -13.84
C THR A 494 -22.80 -10.82 -14.60
N SER A 495 -23.87 -10.57 -13.85
CA SER A 495 -25.21 -10.38 -14.41
C SER A 495 -25.84 -9.14 -13.79
N ALA A 496 -26.87 -8.62 -14.47
CA ALA A 496 -27.51 -7.40 -14.02
C ALA A 496 -29.02 -7.45 -14.20
N ALA A 497 -29.64 -8.63 -14.07
CA ALA A 497 -31.08 -8.79 -14.24
C ALA A 497 -31.63 -9.47 -12.99
N GLY A 498 -31.89 -8.67 -11.95
CA GLY A 498 -32.50 -9.17 -10.74
C GLY A 498 -33.44 -8.19 -10.08
N CYS A 499 -33.64 -7.02 -10.68
CA CYS A 499 -34.42 -5.97 -10.05
C CYS A 499 -35.06 -5.05 -11.08
N GLY A 526 -5.18 -1.56 -28.27
CA GLY A 526 -4.34 -2.37 -29.14
C GLY A 526 -3.87 -1.62 -30.37
N ARG A 527 -3.97 -0.29 -30.33
CA ARG A 527 -3.50 0.51 -31.46
C ARG A 527 -2.01 0.32 -31.71
N PRO A 528 -1.13 0.38 -30.70
CA PRO A 528 0.29 0.16 -30.94
C PRO A 528 0.67 -1.31 -30.80
N ALA A 529 1.92 -1.64 -31.11
CA ALA A 529 2.35 -3.03 -31.06
C ALA A 529 2.28 -3.58 -29.64
N LEU A 530 2.70 -2.79 -28.65
CA LEU A 530 2.94 -3.31 -27.31
C LEU A 530 1.72 -3.21 -26.39
N ALA A 531 0.63 -2.59 -26.82
CA ALA A 531 -0.52 -2.45 -25.92
C ALA A 531 -1.24 -3.75 -25.67
N ASP A 532 -0.95 -4.80 -26.45
CA ASP A 532 -1.64 -6.07 -26.30
C ASP A 532 -0.78 -7.16 -25.69
N THR A 533 0.55 -6.96 -25.59
CA THR A 533 1.43 -7.95 -24.99
C THR A 533 2.18 -7.41 -23.78
N PHE A 534 2.80 -6.24 -23.89
CA PHE A 534 3.71 -5.75 -22.87
C PHE A 534 3.06 -4.77 -21.90
N TYR A 535 2.24 -3.84 -22.39
CA TYR A 535 1.54 -2.94 -21.49
C TYR A 535 0.41 -3.63 -20.74
N ALA A 536 0.07 -4.86 -21.12
CA ALA A 536 -1.04 -5.59 -20.51
C ALA A 536 -0.62 -6.47 -19.35
N ILE A 537 0.67 -6.51 -19.00
CA ILE A 537 1.10 -7.36 -17.91
C ILE A 537 0.40 -6.92 -16.63
N SER A 538 0.32 -7.84 -15.67
CA SER A 538 -0.39 -7.55 -14.43
C SER A 538 0.24 -6.36 -13.73
N TYR A 539 -0.60 -5.54 -13.09
CA TYR A 539 -0.09 -4.35 -12.43
C TYR A 539 0.82 -4.69 -11.26
N LEU A 540 0.81 -5.94 -10.81
CA LEU A 540 1.73 -6.36 -9.76
C LEU A 540 3.12 -6.64 -10.28
N TYR A 541 3.30 -6.70 -11.60
CA TYR A 541 4.62 -6.97 -12.16
C TYR A 541 5.45 -5.70 -12.32
N TYR A 542 4.81 -4.54 -12.45
CA TYR A 542 5.54 -3.29 -12.72
C TYR A 542 6.74 -3.17 -11.79
N GLY A 543 6.49 -3.08 -10.49
CA GLY A 543 7.59 -2.97 -9.55
C GLY A 543 8.61 -4.09 -9.74
N ALA A 544 8.12 -5.33 -9.84
CA ALA A 544 9.02 -6.44 -10.11
C ALA A 544 9.82 -6.18 -11.37
N LEU A 545 9.13 -5.82 -12.47
CA LEU A 545 9.83 -5.56 -13.72
C LEU A 545 10.90 -4.50 -13.53
N GLY A 546 10.70 -3.57 -12.61
CA GLY A 546 11.74 -2.63 -12.27
C GLY A 546 12.86 -3.31 -11.50
N THR A 547 12.50 -3.88 -10.35
CA THR A 547 13.54 -4.42 -9.46
C THR A 547 14.48 -5.33 -10.24
N LEU A 548 13.91 -6.32 -10.94
CA LEU A 548 14.75 -7.27 -11.65
C LEU A 548 15.71 -6.56 -12.58
N THR A 549 15.21 -5.64 -13.41
CA THR A 549 16.11 -4.99 -14.36
C THR A 549 17.16 -4.18 -13.61
N THR A 550 16.78 -3.53 -12.51
CA THR A 550 17.78 -2.82 -11.72
C THR A 550 18.89 -3.76 -11.30
N MET A 551 18.54 -4.98 -10.91
CA MET A 551 19.56 -5.96 -10.59
C MET A 551 20.37 -6.34 -11.83
N LEU A 552 19.69 -6.53 -12.96
CA LEU A 552 20.38 -7.00 -14.15
C LEU A 552 21.19 -5.90 -14.81
N CYS A 553 20.67 -4.67 -14.85
CA CYS A 553 21.47 -3.55 -15.33
C CYS A 553 22.62 -3.26 -14.38
N GLY A 554 22.32 -3.11 -13.09
CA GLY A 554 23.38 -2.80 -12.13
C GLY A 554 24.45 -3.87 -12.09
N ALA A 555 24.04 -5.14 -12.23
CA ALA A 555 25.02 -6.21 -12.27
C ALA A 555 25.90 -6.10 -13.52
N LEU A 556 25.32 -5.68 -14.65
CA LEU A 556 26.07 -5.65 -15.89
C LEU A 556 27.07 -4.49 -15.90
N ILE A 557 26.58 -3.26 -15.81
CA ILE A 557 27.47 -2.10 -15.91
C ILE A 557 28.51 -2.14 -14.81
N SER A 558 28.12 -2.59 -13.61
CA SER A 558 29.08 -2.71 -12.52
C SER A 558 30.25 -3.60 -12.93
N TYR A 559 29.96 -4.73 -13.60
CA TYR A 559 31.02 -5.62 -14.03
C TYR A 559 31.77 -5.07 -15.24
N LEU A 560 31.25 -4.03 -15.89
CA LEU A 560 31.93 -3.44 -17.05
C LEU A 560 32.95 -2.38 -16.61
N THR A 561 32.49 -1.36 -15.88
CA THR A 561 33.39 -0.31 -15.43
C THR A 561 34.48 -0.85 -14.50
N GLY A 562 34.22 -1.98 -13.84
CA GLY A 562 35.20 -2.59 -12.98
C GLY A 562 34.56 -3.25 -11.78
N PRO A 563 34.92 -4.50 -11.51
CA PRO A 563 34.37 -5.17 -10.33
C PRO A 563 34.87 -4.55 -9.04
N THR A 564 34.04 -4.64 -8.00
CA THR A 564 34.36 -4.13 -6.68
C THR A 564 34.88 -5.27 -5.83
N LYS A 565 36.20 -5.29 -5.57
CA LYS A 565 36.78 -6.37 -4.80
C LYS A 565 36.13 -6.46 -3.43
N ARG A 566 35.84 -7.68 -3.00
CA ARG A 566 35.10 -7.89 -1.75
C ARG A 566 35.90 -7.44 -0.53
N SER A 567 37.21 -7.28 -0.64
CA SER A 567 38.01 -6.83 0.49
C SER A 567 37.96 -5.31 0.61
N SER A 568 36.76 -4.75 0.50
CA SER A 568 36.61 -3.31 0.67
C SER A 568 35.32 -2.95 1.41
N LEU A 569 34.62 -3.91 2.02
CA LEU A 569 33.29 -3.70 2.55
C LEU A 569 33.21 -3.77 4.06
N GLY A 570 34.31 -4.04 4.76
CA GLY A 570 34.40 -3.88 6.19
C GLY A 570 33.36 -4.67 6.97
N PRO A 571 32.57 -4.00 7.82
CA PRO A 571 31.57 -4.72 8.62
C PRO A 571 30.62 -5.48 7.73
N GLY A 572 29.73 -6.25 8.36
CA GLY A 572 28.76 -7.01 7.59
C GLY A 572 27.88 -6.12 6.72
N LEU A 573 28.09 -6.21 5.41
CA LEU A 573 27.20 -5.60 4.43
C LEU A 573 26.67 -6.62 3.44
N LEU A 574 27.56 -7.39 2.82
CA LEU A 574 27.13 -8.54 2.04
C LEU A 574 26.50 -9.57 2.96
N TRP A 575 25.43 -10.20 2.51
CA TRP A 575 24.80 -11.23 3.32
C TRP A 575 25.57 -12.54 3.30
N TRP A 576 26.57 -12.67 2.43
CA TRP A 576 27.43 -13.85 2.39
C TRP A 576 28.40 -13.81 3.56
N ASP A 577 27.84 -13.93 4.76
CA ASP A 577 28.63 -13.89 5.99
C ASP A 577 27.84 -14.44 7.16
NA NA B . -1.22 -1.30 -0.94
NA NA C . -3.07 1.08 2.13
I IOD D . -3.50 -5.97 -0.19
O13 3PH E . -3.07 2.62 -12.70
P 3PH E . -3.70 3.95 -11.93
O14 3PH E . -4.72 3.41 -10.99
O12 3PH E . -3.98 5.01 -12.95
O11 3PH E . -2.39 4.49 -11.10
C1 3PH E . -2.57 5.44 -10.07
C2 3PH E . -1.66 6.63 -10.36
O21 3PH E . -2.17 7.86 -9.81
C21 3PH E . -1.37 8.84 -9.44
O22 3PH E . -0.69 8.79 -8.44
C22 3PH E . -1.42 9.99 -10.40
C23 3PH E . -0.14 10.21 -11.19
C24 3PH E . 0.59 11.44 -10.72
C25 3PH E . 2.01 11.52 -11.27
C26 3PH E . 2.50 12.95 -11.49
C27 3PH E . 3.18 13.58 -10.28
C28 3PH E . 2.27 14.48 -9.46
C29 3PH E . 2.98 15.13 -8.29
C2A 3PH E . 2.31 16.42 -7.81
C2B 3PH E . 2.96 17.03 -6.58
C2C 3PH E . 2.60 18.49 -6.36
C2D 3PH E . 3.57 19.46 -7.02
C3 3PH E . -1.54 6.87 -11.85
O31 3PH E . -0.70 5.86 -12.37
C31 3PH E . 0.16 6.21 -13.32
O32 3PH E . -0.18 6.68 -14.38
C32 3PH E . 1.57 5.93 -12.90
C33 3PH E . 1.83 6.20 -11.44
C34 3PH E . 3.31 6.35 -11.15
C35 3PH E . 3.86 7.70 -11.58
C36 3PH E . 5.32 7.88 -11.17
C37 3PH E . 5.95 9.16 -11.70
C38 3PH E . 5.19 10.40 -11.27
C39 3PH E . 6.06 11.63 -11.04
C3A 3PH E . 6.71 11.64 -9.66
C3B 3PH E . 7.59 12.85 -9.40
C3C 3PH E . 6.78 14.12 -9.23
C3D 3PH E . 6.90 14.76 -7.85
C3E 3PH E . 8.21 15.50 -7.64
C3F 3PH E . 8.24 16.35 -6.37
C3G 3PH E . 7.37 17.60 -6.46
C3H 3PH E . 7.39 18.45 -5.19
#